data_9OOY
#
_entry.id   9OOY
#
_cell.length_a   167.165
_cell.length_b   54.972
_cell.length_c   120.696
_cell.angle_alpha   90.00
_cell.angle_beta   130.01
_cell.angle_gamma   90.00
#
_symmetry.space_group_name_H-M   'C 1 2 1'
#
loop_
_entity.id
_entity.type
_entity.pdbx_description
1 polymer "Bis(5'-nucleosyl)-tetraphosphatase [symmetrical]"
2 non-polymer '[[(2~{R},3~{S},4~{R},5~{R})-5-(6-aminopurin-9-yl)-3,4-bis(oxidanyl)oxolan-2-yl]methoxy-oxidanyl-phosphoryl] [[[(2~{R},3~{S},4~{R},5~{R})-5-(2-azanyl-6-oxidanylidene-1~{H}-purin-9-yl)-3,4-bis(oxidanyl)oxolan-2-yl]methoxy-oxidanyl-phosphoryl]oxy-oxidanyl-phosphoryl] hydrogen phosphate'
3 non-polymer "URIDINE-5'-MONOPHOSPHATE"
4 non-polymer 'MANGANESE (II) ION'
5 non-polymer 'MAGNESIUM ION'
6 non-polymer '4-(2-HYDROXYETHYL)-1-PIPERAZINE ETHANESULFONIC ACID'
7 non-polymer 'CITRATE ANION'
8 water water
#
_entity_poly.entity_id   1
_entity_poly.type   'polypeptide(L)'
_entity_poly.pdbx_seq_one_letter_code
;MATYLIGDVHGCYDELIALLHKVEFTPGKDTLWLTGDLVARGPGSLDVLRYVKSLGDSVRLVLGNHDLHLLAVFAGISRN
KPKDRLTPLLEAPDADELLNWLRRQPLLQIDEEKKLVMAHAGITPQWDLQTAKECARDVEAVLSSDSYPFFLDAMYGDMP
NNWSPELRGLGRLRFITNAFTRMRFCFPNGQLDMYSKESPEEAPAPLKPWFAIPGPVAEEYSIAFGHWASLEGKGTPEGI
YALDTGCCWGGTLTCLRWEDKQYFVQPSNRHKDLGEAAASHHHHHH
;
_entity_poly.pdbx_strand_id   A,B
#
loop_
_chem_comp.id
_chem_comp.type
_chem_comp.name
_chem_comp.formula
A1IF9 non-polymer '[[(2~{R},3~{S},4~{R},5~{R})-5-(6-aminopurin-9-yl)-3,4-bis(oxidanyl)oxolan-2-yl]methoxy-oxidanyl-phosphoryl] [[[(2~{R},3~{S},4~{R},5~{R})-5-(2-azanyl-6-oxidanylidene-1~{H}-purin-9-yl)-3,4-bis(oxidanyl)oxolan-2-yl]methoxy-oxidanyl-phosphoryl]oxy-oxidanyl-phosphoryl] hydrogen phosphate' 'C20 H28 N10 O20 P4'
EPE non-polymer '4-(2-HYDROXYETHYL)-1-PIPERAZINE ETHANESULFONIC ACID' 'C8 H18 N2 O4 S'
FLC non-polymer 'CITRATE ANION' 'C6 H5 O7 -3'
MG non-polymer 'MAGNESIUM ION' 'Mg 2'
MN non-polymer 'MANGANESE (II) ION' 'Mn 2'
U RNA linking URIDINE-5'-MONOPHOSPHATE 'C9 H13 N2 O9 P'
#
# COMPACT_ATOMS: atom_id res chain seq x y z
N ALA A 2 -24.63 -29.05 -0.39
CA ALA A 2 -24.14 -28.12 -1.41
C ALA A 2 -22.70 -27.67 -1.08
N THR A 3 -22.02 -27.08 -2.06
CA THR A 3 -20.64 -26.61 -1.92
C THR A 3 -20.59 -25.11 -2.12
N TYR A 4 -20.07 -24.39 -1.13
CA TYR A 4 -20.00 -22.94 -1.17
C TYR A 4 -18.54 -22.53 -1.12
N LEU A 5 -18.16 -21.56 -1.94
CA LEU A 5 -16.79 -21.04 -1.98
C LEU A 5 -16.86 -19.55 -1.67
N ILE A 6 -16.12 -19.09 -0.67
CA ILE A 6 -16.13 -17.70 -0.25
C ILE A 6 -14.72 -17.13 -0.31
N GLY A 7 -14.61 -15.89 -0.79
CA GLY A 7 -13.32 -15.23 -0.93
C GLY A 7 -12.82 -14.66 0.38
N ASP A 8 -11.82 -13.78 0.27
CA ASP A 8 -11.06 -13.32 1.42
C ASP A 8 -11.98 -12.66 2.45
N VAL A 9 -11.98 -13.20 3.66
CA VAL A 9 -12.87 -12.70 4.71
C VAL A 9 -12.26 -11.51 5.46
N HIS A 10 -10.95 -11.53 5.71
CA HIS A 10 -10.24 -10.41 6.32
C HIS A 10 -10.96 -9.90 7.57
N GLY A 11 -11.27 -10.83 8.47
CA GLY A 11 -11.86 -10.46 9.75
C GLY A 11 -13.28 -9.92 9.69
N CYS A 12 -13.95 -10.03 8.56
CA CYS A 12 -15.32 -9.53 8.42
C CYS A 12 -16.31 -10.60 8.85
N TYR A 13 -16.32 -10.84 10.17
CA TYR A 13 -17.11 -11.91 10.75
C TYR A 13 -18.61 -11.67 10.53
N ASP A 14 -19.09 -10.44 10.79
CA ASP A 14 -20.52 -10.19 10.62
C ASP A 14 -20.97 -10.48 9.18
N GLU A 15 -20.19 -10.03 8.20
CA GLU A 15 -20.58 -10.29 6.81
C GLU A 15 -20.52 -11.77 6.49
N LEU A 16 -19.50 -12.48 6.99
CA LEU A 16 -19.42 -13.91 6.72
C LEU A 16 -20.67 -14.63 7.23
N ILE A 17 -21.06 -14.36 8.47
CA ILE A 17 -22.18 -15.07 9.05
C ILE A 17 -23.47 -14.68 8.35
N ALA A 18 -23.62 -13.42 8.00
CA ALA A 18 -24.79 -12.98 7.27
C ALA A 18 -24.89 -13.69 5.93
N LEU A 19 -23.76 -13.86 5.25
CA LEU A 19 -23.75 -14.52 3.94
C LEU A 19 -24.07 -16.00 4.06
N LEU A 20 -23.53 -16.67 5.09
CA LEU A 20 -23.84 -18.08 5.28
C LEU A 20 -25.32 -18.29 5.64
N HIS A 21 -25.92 -17.34 6.36
CA HIS A 21 -27.35 -17.42 6.67
C HIS A 21 -28.18 -17.23 5.40
N LYS A 22 -27.72 -16.35 4.51
CA LYS A 22 -28.40 -16.16 3.23
C LYS A 22 -28.55 -17.48 2.47
N VAL A 23 -27.51 -18.30 2.42
CA VAL A 23 -27.61 -19.58 1.70
C VAL A 23 -28.05 -20.72 2.61
N GLU A 24 -28.36 -20.44 3.88
CA GLU A 24 -28.73 -21.47 4.86
C GLU A 24 -27.67 -22.58 4.91
N PHE A 25 -26.42 -22.16 5.07
CA PHE A 25 -25.32 -23.11 5.17
C PHE A 25 -25.52 -24.03 6.37
N THR A 26 -25.47 -25.33 6.11
CA THR A 26 -25.71 -26.34 7.15
C THR A 26 -24.57 -27.35 7.20
N PRO A 27 -23.66 -27.22 8.18
CA PRO A 27 -22.57 -28.20 8.29
C PRO A 27 -23.13 -29.61 8.35
N GLY A 28 -22.48 -30.55 7.66
CA GLY A 28 -22.96 -31.90 7.55
C GLY A 28 -23.80 -32.17 6.31
N LYS A 29 -24.53 -31.17 5.82
CA LYS A 29 -25.15 -31.23 4.49
C LYS A 29 -24.34 -30.46 3.45
N ASP A 30 -23.66 -29.40 3.87
CA ASP A 30 -22.86 -28.53 3.01
C ASP A 30 -21.42 -28.44 3.45
N THR A 31 -20.58 -28.03 2.50
CA THR A 31 -19.14 -27.83 2.70
C THR A 31 -18.78 -26.42 2.23
N LEU A 32 -17.94 -25.76 3.01
CA LEU A 32 -17.49 -24.40 2.70
C LEU A 32 -16.02 -24.44 2.31
N TRP A 33 -15.68 -23.83 1.17
CA TRP A 33 -14.30 -23.59 0.80
C TRP A 33 -13.98 -22.11 1.03
N LEU A 34 -12.81 -21.82 1.63
CA LEU A 34 -12.38 -20.45 1.92
C LEU A 34 -11.02 -20.20 1.29
N THR A 35 -10.89 -19.08 0.58
CA THR A 35 -9.67 -18.76 -0.16
C THR A 35 -8.54 -18.26 0.72
N GLY A 36 -8.72 -18.18 2.03
CA GLY A 36 -7.63 -17.69 2.89
C GLY A 36 -7.72 -16.19 3.13
N ASP A 37 -6.69 -15.65 3.76
CA ASP A 37 -6.75 -14.29 4.31
C ASP A 37 -8.00 -14.16 5.17
N LEU A 38 -8.10 -15.05 6.16
CA LEU A 38 -9.23 -14.98 7.08
C LEU A 38 -9.13 -13.81 8.04
N VAL A 39 -7.93 -13.28 8.23
CA VAL A 39 -7.64 -12.39 9.34
C VAL A 39 -7.10 -11.08 8.78
N ALA A 40 -7.01 -10.09 9.67
CA ALA A 40 -6.42 -8.77 9.40
C ALA A 40 -7.37 -7.82 8.68
N ARG A 41 -7.22 -6.54 9.04
CA ARG A 41 -7.94 -5.38 8.52
C ARG A 41 -9.36 -5.25 9.03
N GLY A 42 -10.21 -6.27 8.85
CA GLY A 42 -11.54 -6.24 9.41
C GLY A 42 -11.49 -6.34 10.93
N PRO A 43 -12.60 -6.09 11.62
CA PRO A 43 -12.55 -6.03 13.09
C PRO A 43 -12.60 -7.37 13.80
N GLY A 44 -12.99 -8.46 13.14
CA GLY A 44 -13.31 -9.69 13.85
C GLY A 44 -12.44 -10.90 13.53
N SER A 45 -11.13 -10.71 13.42
CA SER A 45 -10.28 -11.84 13.10
C SER A 45 -10.41 -12.94 14.13
N LEU A 46 -10.51 -12.58 15.41
CA LEU A 46 -10.64 -13.58 16.47
C LEU A 46 -11.90 -14.44 16.28
N ASP A 47 -13.05 -13.80 16.04
CA ASP A 47 -14.28 -14.57 15.86
C ASP A 47 -14.22 -15.40 14.59
N VAL A 48 -13.67 -14.85 13.51
CA VAL A 48 -13.55 -15.64 12.28
C VAL A 48 -12.75 -16.91 12.51
N LEU A 49 -11.58 -16.80 13.15
CA LEU A 49 -10.78 -18.01 13.32
C LEU A 49 -11.49 -19.02 14.22
N ARG A 50 -12.10 -18.56 15.32
CA ARG A 50 -12.84 -19.49 16.17
C ARG A 50 -13.89 -20.24 15.36
N TYR A 51 -14.67 -19.50 14.56
CA TYR A 51 -15.76 -20.13 13.82
C TYR A 51 -15.24 -21.12 12.77
N VAL A 52 -14.27 -20.70 11.96
CA VAL A 52 -13.79 -21.58 10.89
C VAL A 52 -13.16 -22.85 11.48
N LYS A 53 -12.38 -22.71 12.55
CA LYS A 53 -11.83 -23.89 13.21
C LYS A 53 -12.95 -24.82 13.70
N SER A 54 -14.04 -24.26 14.24
CA SER A 54 -15.13 -25.09 14.73
C SER A 54 -15.81 -25.93 13.63
N LEU A 55 -15.71 -25.53 12.35
CA LEU A 55 -16.37 -26.29 11.28
C LEU A 55 -15.74 -27.64 11.01
N GLY A 56 -14.49 -27.85 11.37
CA GLY A 56 -13.88 -29.15 11.13
C GLY A 56 -13.92 -29.55 9.67
N ASP A 57 -14.38 -30.78 9.42
CA ASP A 57 -14.41 -31.30 8.05
C ASP A 57 -15.42 -30.59 7.16
N SER A 58 -16.27 -29.71 7.70
CA SER A 58 -17.19 -28.98 6.84
C SER A 58 -16.56 -27.75 6.20
N VAL A 59 -15.26 -27.53 6.40
CA VAL A 59 -14.58 -26.41 5.75
C VAL A 59 -13.27 -26.91 5.14
N ARG A 60 -12.95 -26.40 3.95
CA ARG A 60 -11.70 -26.63 3.26
C ARG A 60 -11.05 -25.27 3.06
N LEU A 61 -10.03 -24.98 3.85
CA LEU A 61 -9.30 -23.73 3.83
C LEU A 61 -7.99 -23.85 3.06
N VAL A 62 -7.55 -22.76 2.44
CA VAL A 62 -6.15 -22.60 2.05
C VAL A 62 -5.61 -21.36 2.75
N LEU A 63 -4.32 -21.38 3.07
CA LEU A 63 -3.68 -20.25 3.74
C LEU A 63 -3.31 -19.15 2.75
N GLY A 64 -3.50 -17.90 3.16
CA GLY A 64 -3.12 -16.74 2.37
C GLY A 64 -1.97 -15.98 2.99
N ASN A 65 -1.58 -14.87 2.31
CA ASN A 65 -0.40 -14.14 2.76
C ASN A 65 -0.62 -13.45 4.11
N HIS A 66 -1.86 -13.03 4.42
CA HIS A 66 -2.09 -12.40 5.72
C HIS A 66 -2.21 -13.43 6.83
N ASP A 67 -2.68 -14.64 6.53
CA ASP A 67 -2.64 -15.71 7.51
C ASP A 67 -1.19 -16.04 7.88
N LEU A 68 -0.31 -16.11 6.87
CA LEU A 68 1.11 -16.36 7.15
C LEU A 68 1.74 -15.19 7.91
N HIS A 69 1.39 -13.96 7.54
CA HIS A 69 1.90 -12.83 8.32
C HIS A 69 1.47 -12.93 9.80
N LEU A 70 0.20 -13.26 10.05
CA LEU A 70 -0.24 -13.43 11.43
C LEU A 70 0.61 -14.44 12.18
N LEU A 71 0.89 -15.58 11.54
CA LEU A 71 1.70 -16.62 12.17
C LEU A 71 3.11 -16.09 12.48
N ALA A 72 3.65 -15.24 11.58
CA ALA A 72 4.96 -14.64 11.80
C ALA A 72 4.93 -13.68 12.98
N VAL A 73 3.85 -12.92 13.14
CA VAL A 73 3.74 -12.01 14.29
C VAL A 73 3.65 -12.81 15.58
N PHE A 74 2.81 -13.84 15.55
CA PHE A 74 2.60 -14.68 16.73
C PHE A 74 3.93 -15.30 17.19
N ALA A 75 4.74 -15.73 16.23
CA ALA A 75 6.04 -16.35 16.50
C ALA A 75 7.15 -15.34 16.79
N GLY A 76 6.86 -14.04 16.76
CA GLY A 76 7.87 -13.05 17.06
C GLY A 76 8.86 -12.81 15.95
N ILE A 77 8.55 -13.30 14.74
CA ILE A 77 9.37 -13.12 13.56
C ILE A 77 9.16 -11.75 12.94
N SER A 78 7.93 -11.25 12.97
CA SER A 78 7.57 -10.02 12.28
C SER A 78 6.84 -9.10 13.24
N ARG A 79 6.87 -7.80 12.94
CA ARG A 79 6.27 -6.81 13.81
C ARG A 79 4.79 -6.66 13.48
N ASN A 80 3.99 -6.47 14.53
CA ASN A 80 2.55 -6.25 14.38
C ASN A 80 2.28 -4.84 13.85
N LYS A 81 1.54 -4.75 12.78
CA LYS A 81 1.12 -3.43 12.26
C LYS A 81 -0.23 -3.04 12.87
N PRO A 82 -0.35 -1.85 13.46
CA PRO A 82 -1.65 -1.48 14.05
C PRO A 82 -2.80 -1.58 13.07
N LYS A 83 -2.58 -1.26 11.79
CA LYS A 83 -3.69 -1.29 10.84
C LYS A 83 -4.28 -2.69 10.65
N ASP A 84 -3.52 -3.76 10.96
CA ASP A 84 -4.07 -5.10 10.77
C ASP A 84 -5.09 -5.52 11.82
N ARG A 85 -5.16 -4.82 12.96
CA ARG A 85 -6.19 -5.07 13.99
C ARG A 85 -6.14 -6.51 14.51
N LEU A 86 -4.94 -7.04 14.71
CA LEU A 86 -4.75 -8.41 15.17
C LEU A 86 -4.63 -8.54 16.67
N THR A 87 -4.61 -7.44 17.42
CA THR A 87 -4.27 -7.56 18.83
C THR A 87 -5.30 -8.37 19.62
N PRO A 88 -6.61 -8.23 19.42
CA PRO A 88 -7.53 -9.09 20.20
C PRO A 88 -7.28 -10.57 19.97
N LEU A 89 -7.00 -10.98 18.74
CA LEU A 89 -6.68 -12.39 18.48
C LEU A 89 -5.36 -12.79 19.14
N LEU A 90 -4.32 -11.97 19.00
CA LEU A 90 -3.04 -12.32 19.60
C LEU A 90 -3.12 -12.41 21.13
N GLU A 91 -3.99 -11.62 21.75
CA GLU A 91 -4.12 -11.60 23.21
C GLU A 91 -5.21 -12.54 23.72
N ALA A 92 -5.88 -13.28 22.83
CA ALA A 92 -6.97 -14.14 23.27
C ALA A 92 -6.41 -15.30 24.09
N PRO A 93 -7.17 -15.79 25.07
CA PRO A 93 -6.66 -16.93 25.86
C PRO A 93 -6.45 -18.18 25.03
N ASP A 94 -7.20 -18.36 23.94
CA ASP A 94 -7.01 -19.51 23.08
C ASP A 94 -6.16 -19.21 21.85
N ALA A 95 -5.35 -18.14 21.88
CA ALA A 95 -4.56 -17.81 20.71
C ALA A 95 -3.65 -18.98 20.29
N ASP A 96 -3.00 -19.65 21.25
CA ASP A 96 -2.12 -20.79 20.90
C ASP A 96 -2.89 -21.88 20.17
N GLU A 97 -4.04 -22.28 20.73
CA GLU A 97 -4.89 -23.30 20.11
C GLU A 97 -5.32 -22.89 18.70
N LEU A 98 -5.77 -21.64 18.52
CA LEU A 98 -6.20 -21.17 17.20
C LEU A 98 -5.05 -21.13 16.19
N LEU A 99 -3.89 -20.61 16.59
CA LEU A 99 -2.83 -20.42 15.59
C LEU A 99 -2.09 -21.71 15.29
N ASN A 100 -1.99 -22.61 16.27
CA ASN A 100 -1.42 -23.93 15.98
C ASN A 100 -2.32 -24.74 15.07
N TRP A 101 -3.63 -24.51 15.15
CA TRP A 101 -4.52 -25.10 14.16
C TRP A 101 -4.30 -24.44 12.80
N LEU A 102 -4.21 -23.11 12.77
CA LEU A 102 -4.11 -22.39 11.51
C LEU A 102 -2.86 -22.81 10.72
N ARG A 103 -1.73 -22.95 11.40
CA ARG A 103 -0.51 -23.27 10.67
C ARG A 103 -0.52 -24.68 10.11
N ARG A 104 -1.48 -25.52 10.52
CA ARG A 104 -1.59 -26.87 9.97
C ARG A 104 -2.53 -26.96 8.78
N GLN A 105 -3.05 -25.84 8.29
CA GLN A 105 -4.02 -25.96 7.22
C GLN A 105 -3.31 -25.94 5.87
N PRO A 106 -3.95 -26.43 4.82
CA PRO A 106 -3.25 -26.62 3.54
C PRO A 106 -3.01 -25.30 2.82
N LEU A 107 -2.11 -25.34 1.83
CA LEU A 107 -1.97 -24.27 0.85
C LEU A 107 -2.76 -24.53 -0.42
N LEU A 108 -3.23 -25.75 -0.60
CA LEU A 108 -3.86 -26.17 -1.85
C LEU A 108 -4.96 -27.17 -1.53
N GLN A 109 -6.14 -26.99 -2.10
CA GLN A 109 -7.24 -27.94 -1.97
C GLN A 109 -7.59 -28.46 -3.36
N ILE A 110 -7.79 -29.78 -3.48
CA ILE A 110 -8.14 -30.39 -4.77
C ILE A 110 -9.35 -31.30 -4.57
N ASP A 111 -10.36 -31.16 -5.42
CA ASP A 111 -11.50 -32.07 -5.40
C ASP A 111 -11.57 -32.69 -6.80
N GLU A 112 -11.28 -33.98 -6.90
CA GLU A 112 -11.20 -34.61 -8.22
C GLU A 112 -12.57 -34.81 -8.85
N GLU A 113 -13.61 -35.03 -8.03
CA GLU A 113 -14.94 -35.25 -8.61
C GLU A 113 -15.50 -33.97 -9.21
N LYS A 114 -15.18 -32.83 -8.62
CA LYS A 114 -15.59 -31.54 -9.16
C LYS A 114 -14.59 -30.99 -10.16
N LYS A 115 -13.42 -31.64 -10.32
CA LYS A 115 -12.32 -31.07 -11.10
C LYS A 115 -12.09 -29.62 -10.69
N LEU A 116 -11.93 -29.42 -9.38
CA LEU A 116 -11.80 -28.09 -8.82
C LEU A 116 -10.53 -28.01 -7.99
N VAL A 117 -9.76 -26.94 -8.19
CA VAL A 117 -8.53 -26.66 -7.47
C VAL A 117 -8.67 -25.29 -6.82
N MET A 118 -8.23 -25.16 -5.57
CA MET A 118 -8.23 -23.86 -4.93
C MET A 118 -6.87 -23.58 -4.27
N ALA A 119 -6.38 -22.35 -4.45
CA ALA A 119 -5.23 -21.85 -3.71
C ALA A 119 -5.47 -20.35 -3.54
N HIS A 120 -4.69 -19.73 -2.65
CA HIS A 120 -5.02 -18.36 -2.31
C HIS A 120 -4.87 -17.44 -3.52
N ALA A 121 -3.73 -17.52 -4.20
CA ALA A 121 -3.46 -16.62 -5.32
C ALA A 121 -3.70 -17.25 -6.67
N GLY A 122 -3.83 -18.57 -6.71
CA GLY A 122 -4.04 -19.27 -7.95
C GLY A 122 -2.94 -20.28 -8.17
N ILE A 123 -2.79 -20.78 -9.39
CA ILE A 123 -1.77 -21.77 -9.72
C ILE A 123 -0.89 -21.17 -10.80
N THR A 124 0.40 -20.99 -10.51
CA THR A 124 1.28 -20.44 -11.54
C THR A 124 1.24 -21.32 -12.78
N PRO A 125 1.24 -20.73 -13.98
CA PRO A 125 1.25 -21.55 -15.18
C PRO A 125 2.55 -22.33 -15.37
N GLN A 126 3.57 -22.08 -14.57
CA GLN A 126 4.78 -22.89 -14.66
C GLN A 126 4.64 -24.23 -13.95
N TRP A 127 3.51 -24.50 -13.30
CA TRP A 127 3.32 -25.74 -12.55
C TRP A 127 2.27 -26.63 -13.22
N ASP A 128 2.56 -27.92 -13.29
CA ASP A 128 1.53 -28.92 -13.49
C ASP A 128 0.98 -29.38 -12.13
N LEU A 129 -0.06 -30.22 -12.18
CA LEU A 129 -0.75 -30.54 -10.93
C LEU A 129 0.17 -31.30 -9.97
N GLN A 130 0.95 -32.25 -10.50
CA GLN A 130 1.84 -33.01 -9.64
C GLN A 130 2.84 -32.11 -8.93
N THR A 131 3.38 -31.13 -9.64
CA THR A 131 4.32 -30.19 -9.04
C THR A 131 3.63 -29.31 -8.01
N ALA A 132 2.45 -28.80 -8.32
CA ALA A 132 1.73 -27.99 -7.34
C ALA A 132 1.50 -28.79 -6.05
N LYS A 133 1.15 -30.07 -6.17
CA LYS A 133 0.88 -30.88 -4.99
C LYS A 133 2.14 -31.09 -4.17
N GLU A 134 3.25 -31.39 -4.85
CA GLU A 134 4.50 -31.59 -4.14
C GLU A 134 4.98 -30.32 -3.46
N CYS A 135 4.82 -29.16 -4.12
CA CYS A 135 5.22 -27.92 -3.48
C CYS A 135 4.35 -27.59 -2.28
N ALA A 136 3.03 -27.73 -2.42
CA ALA A 136 2.17 -27.50 -1.27
C ALA A 136 2.55 -28.41 -0.11
N ARG A 137 2.81 -29.68 -0.39
CA ARG A 137 3.16 -30.61 0.68
C ARG A 137 4.44 -30.18 1.39
N ASP A 138 5.43 -29.69 0.62
CA ASP A 138 6.70 -29.28 1.21
C ASP A 138 6.53 -28.09 2.14
N VAL A 139 5.75 -27.09 1.73
CA VAL A 139 5.61 -25.93 2.59
C VAL A 139 4.70 -26.26 3.77
N GLU A 140 3.66 -27.06 3.53
CA GLU A 140 2.78 -27.46 4.62
C GLU A 140 3.58 -28.24 5.68
N ALA A 141 4.57 -29.02 5.24
CA ALA A 141 5.37 -29.78 6.19
C ALA A 141 6.20 -28.87 7.09
N VAL A 142 6.77 -27.79 6.56
CA VAL A 142 7.54 -26.91 7.43
C VAL A 142 6.61 -26.15 8.35
N LEU A 143 5.43 -25.74 7.86
CA LEU A 143 4.50 -24.97 8.68
C LEU A 143 3.93 -25.79 9.83
N SER A 144 3.72 -27.10 9.62
N SER A 144 3.73 -27.09 9.63
CA SER A 144 3.17 -27.94 10.68
CA SER A 144 3.18 -27.92 10.68
C SER A 144 4.23 -28.41 11.67
C SER A 144 4.24 -28.50 11.60
N SER A 145 5.51 -28.13 11.42
CA SER A 145 6.58 -28.67 12.23
C SER A 145 6.89 -27.78 13.42
N ASP A 146 7.64 -28.33 14.38
CA ASP A 146 8.02 -27.55 15.56
C ASP A 146 8.91 -26.37 15.21
N SER A 147 9.54 -26.38 14.04
CA SER A 147 10.48 -25.35 13.65
C SER A 147 9.89 -24.34 12.67
N TYR A 148 8.57 -24.16 12.67
CA TYR A 148 7.97 -23.28 11.68
C TYR A 148 8.42 -21.82 11.79
N PRO A 149 8.85 -21.29 12.94
CA PRO A 149 9.33 -19.89 12.94
C PRO A 149 10.54 -19.68 12.05
N PHE A 150 11.39 -20.70 11.89
CA PHE A 150 12.52 -20.53 10.99
C PHE A 150 12.05 -20.42 9.54
N PHE A 151 11.07 -21.23 9.15
CA PHE A 151 10.56 -21.10 7.78
C PHE A 151 9.90 -19.74 7.58
N LEU A 152 9.07 -19.32 8.54
CA LEU A 152 8.40 -18.03 8.39
C LEU A 152 9.40 -16.91 8.20
N ASP A 153 10.53 -16.98 8.89
CA ASP A 153 11.57 -15.96 8.71
C ASP A 153 12.16 -16.05 7.31
N ALA A 154 12.37 -17.26 6.82
CA ALA A 154 12.97 -17.46 5.51
C ALA A 154 12.03 -17.06 4.37
N MET A 155 10.72 -17.14 4.60
CA MET A 155 9.75 -17.00 3.51
C MET A 155 9.79 -15.62 2.87
N TYR A 156 10.19 -14.59 3.61
CA TYR A 156 10.14 -13.23 3.08
C TYR A 156 11.20 -13.06 1.98
N GLY A 157 10.82 -12.39 0.91
CA GLY A 157 11.70 -12.18 -0.23
C GLY A 157 10.93 -12.24 -1.54
N ASP A 158 11.48 -11.61 -2.57
CA ASP A 158 10.82 -11.55 -3.88
C ASP A 158 11.48 -12.43 -4.93
N MET A 159 12.60 -13.08 -4.62
CA MET A 159 13.33 -13.91 -5.57
C MET A 159 13.57 -15.28 -4.97
N PRO A 160 13.73 -16.31 -5.81
CA PRO A 160 13.68 -16.29 -7.28
C PRO A 160 12.24 -16.15 -7.73
N ASN A 161 12.02 -15.72 -8.98
CA ASN A 161 10.68 -15.55 -9.51
C ASN A 161 10.42 -16.46 -10.69
N ASN A 162 11.26 -17.46 -10.90
CA ASN A 162 11.14 -18.38 -12.02
C ASN A 162 11.27 -19.79 -11.50
N TRP A 163 10.29 -20.64 -11.78
CA TRP A 163 10.31 -22.00 -11.29
C TRP A 163 11.28 -22.87 -12.08
N SER A 164 11.96 -23.78 -11.37
CA SER A 164 12.69 -24.89 -11.94
C SER A 164 12.62 -26.05 -10.98
N PRO A 165 12.50 -27.29 -11.48
CA PRO A 165 12.63 -28.44 -10.59
C PRO A 165 13.98 -28.52 -9.90
N GLU A 166 14.97 -27.75 -10.37
CA GLU A 166 16.30 -27.74 -9.79
C GLU A 166 16.44 -26.78 -8.62
N LEU A 167 15.44 -25.94 -8.37
CA LEU A 167 15.50 -25.04 -7.23
C LEU A 167 15.63 -25.85 -5.94
N ARG A 168 16.44 -25.36 -5.02
CA ARG A 168 16.68 -26.05 -3.76
C ARG A 168 16.67 -25.04 -2.63
N GLY A 169 16.45 -25.54 -1.41
CA GLY A 169 16.70 -24.69 -0.26
C GLY A 169 15.76 -23.50 -0.14
N LEU A 170 16.31 -22.40 0.38
CA LEU A 170 15.49 -21.23 0.70
C LEU A 170 14.78 -20.69 -0.52
N GLY A 171 15.49 -20.63 -1.66
CA GLY A 171 14.88 -20.11 -2.88
C GLY A 171 13.67 -20.91 -3.31
N ARG A 172 13.75 -22.23 -3.20
CA ARG A 172 12.61 -23.08 -3.56
C ARG A 172 11.40 -22.77 -2.67
N LEU A 173 11.60 -22.73 -1.34
CA LEU A 173 10.49 -22.40 -0.45
C LEU A 173 9.94 -20.99 -0.69
N ARG A 174 10.82 -20.00 -0.91
CA ARG A 174 10.33 -18.65 -1.13
C ARG A 174 9.49 -18.58 -2.40
N PHE A 175 9.94 -19.24 -3.47
CA PHE A 175 9.15 -19.24 -4.69
C PHE A 175 7.79 -19.90 -4.47
N ILE A 176 7.78 -21.06 -3.80
CA ILE A 176 6.52 -21.76 -3.58
C ILE A 176 5.54 -20.87 -2.83
N THR A 177 6.02 -20.21 -1.76
CA THR A 177 5.17 -19.35 -0.96
C THR A 177 4.64 -18.18 -1.78
N ASN A 178 5.51 -17.57 -2.59
CA ASN A 178 5.07 -16.46 -3.40
C ASN A 178 4.05 -16.90 -4.44
N ALA A 179 4.26 -18.07 -5.06
CA ALA A 179 3.34 -18.53 -6.10
C ALA A 179 1.94 -18.80 -5.53
N PHE A 180 1.87 -19.45 -4.37
CA PHE A 180 0.56 -19.76 -3.78
C PHE A 180 -0.12 -18.56 -3.14
N THR A 181 0.64 -17.61 -2.56
CA THR A 181 0.01 -16.60 -1.71
C THR A 181 0.21 -15.14 -2.13
N ARG A 182 1.06 -14.84 -3.13
CA ARG A 182 1.29 -13.45 -3.50
C ARG A 182 1.11 -13.15 -4.98
N MET A 183 1.04 -14.17 -5.82
CA MET A 183 1.03 -14.03 -7.27
C MET A 183 -0.16 -13.23 -7.78
N ARG A 184 0.10 -12.37 -8.77
CA ARG A 184 -0.94 -11.73 -9.57
C ARG A 184 -0.51 -11.77 -11.03
N PHE A 185 0.50 -10.97 -11.39
CA PHE A 185 0.96 -10.82 -12.77
C PHE A 185 2.16 -11.72 -13.09
N CYS A 186 2.24 -12.13 -14.35
CA CYS A 186 3.35 -12.90 -14.88
C CYS A 186 3.95 -12.20 -16.09
N PHE A 187 5.24 -12.42 -16.30
CA PHE A 187 5.83 -12.11 -17.59
C PHE A 187 5.41 -13.18 -18.60
N PRO A 188 5.54 -12.91 -19.91
CA PRO A 188 5.07 -13.88 -20.91
C PRO A 188 5.59 -15.29 -20.72
N ASN A 189 6.82 -15.46 -20.23
CA ASN A 189 7.37 -16.78 -19.99
C ASN A 189 6.86 -17.42 -18.70
N GLY A 190 5.94 -16.76 -17.99
CA GLY A 190 5.39 -17.30 -16.77
C GLY A 190 6.07 -16.84 -15.48
N GLN A 191 7.19 -16.10 -15.56
CA GLN A 191 7.84 -15.66 -14.33
C GLN A 191 6.99 -14.68 -13.54
N LEU A 192 7.10 -14.76 -12.22
CA LEU A 192 6.28 -13.95 -11.33
C LEU A 192 6.79 -12.51 -11.30
N ASP A 193 5.86 -11.55 -11.32
CA ASP A 193 6.16 -10.18 -10.95
C ASP A 193 5.63 -9.88 -9.55
N MET A 194 6.50 -9.47 -8.64
CA MET A 194 6.12 -9.29 -7.24
C MET A 194 5.76 -7.84 -6.88
N TYR A 195 5.59 -6.95 -7.85
CA TYR A 195 5.44 -5.53 -7.53
C TYR A 195 4.08 -4.96 -7.88
N SER A 196 3.53 -5.31 -9.04
CA SER A 196 2.28 -4.72 -9.49
C SER A 196 1.09 -5.37 -8.80
N LYS A 197 0.21 -4.55 -8.22
CA LYS A 197 -0.99 -5.00 -7.53
C LYS A 197 -2.24 -4.41 -8.17
N GLU A 198 -2.08 -3.82 -9.36
CA GLU A 198 -3.14 -3.07 -10.01
C GLU A 198 -4.07 -4.03 -10.74
N SER A 199 -5.15 -3.48 -11.30
CA SER A 199 -6.05 -4.26 -12.14
C SER A 199 -5.39 -4.60 -13.48
N PRO A 200 -5.87 -5.65 -14.17
CA PRO A 200 -5.25 -6.02 -15.45
C PRO A 200 -5.22 -4.89 -16.46
N GLU A 201 -6.25 -4.04 -16.49
CA GLU A 201 -6.28 -2.96 -17.48
C GLU A 201 -5.19 -1.93 -17.23
N GLU A 202 -4.81 -1.72 -15.96
CA GLU A 202 -3.82 -0.71 -15.59
C GLU A 202 -2.40 -1.25 -15.51
N ALA A 203 -2.19 -2.52 -15.80
CA ALA A 203 -0.84 -3.04 -15.59
C ALA A 203 0.06 -2.69 -16.77
N PRO A 204 1.32 -2.34 -16.50
CA PRO A 204 2.27 -2.09 -17.59
C PRO A 204 2.59 -3.35 -18.38
N ALA A 205 2.80 -3.16 -19.69
CA ALA A 205 3.26 -4.26 -20.52
C ALA A 205 4.69 -4.66 -20.13
N PRO A 206 5.05 -5.91 -20.36
CA PRO A 206 4.27 -6.98 -20.97
C PRO A 206 3.57 -7.86 -19.92
N LEU A 207 3.21 -7.31 -18.77
CA LEU A 207 2.62 -8.12 -17.71
C LEU A 207 1.22 -8.58 -18.11
N LYS A 208 0.90 -9.83 -17.80
CA LYS A 208 -0.40 -10.47 -18.00
C LYS A 208 -0.80 -11.19 -16.72
N PRO A 209 -2.10 -11.25 -16.41
CA PRO A 209 -2.52 -12.04 -15.25
C PRO A 209 -2.05 -13.47 -15.42
N TRP A 210 -1.72 -14.10 -14.28
CA TRP A 210 -1.30 -15.49 -14.31
C TRP A 210 -2.31 -16.36 -15.04
N PHE A 211 -3.60 -16.04 -14.93
CA PHE A 211 -4.61 -16.88 -15.56
C PHE A 211 -4.75 -16.61 -17.06
N ALA A 212 -4.12 -15.58 -17.59
CA ALA A 212 -4.12 -15.32 -19.04
C ALA A 212 -3.04 -16.10 -19.78
N ILE A 213 -2.23 -16.87 -19.08
CA ILE A 213 -1.17 -17.68 -19.69
C ILE A 213 -1.62 -19.13 -19.59
N PRO A 214 -1.82 -19.83 -20.70
CA PRO A 214 -2.30 -21.22 -20.61
C PRO A 214 -1.34 -22.07 -19.79
N GLY A 215 -1.89 -22.78 -18.81
CA GLY A 215 -1.11 -23.63 -17.95
C GLY A 215 -1.76 -25.00 -17.80
N PRO A 216 -0.94 -26.01 -17.46
CA PRO A 216 -1.46 -27.39 -17.47
C PRO A 216 -2.58 -27.62 -16.48
N VAL A 217 -2.54 -26.96 -15.32
CA VAL A 217 -3.61 -27.18 -14.34
C VAL A 217 -4.91 -26.60 -14.85
N ALA A 218 -4.87 -25.36 -15.32
CA ALA A 218 -6.07 -24.67 -15.77
C ALA A 218 -6.66 -25.30 -17.02
N GLU A 219 -5.85 -26.06 -17.76
CA GLU A 219 -6.38 -26.74 -18.95
C GLU A 219 -7.29 -27.89 -18.57
N GLU A 220 -7.09 -28.49 -17.40
CA GLU A 220 -7.85 -29.65 -16.97
C GLU A 220 -8.77 -29.40 -15.78
N TYR A 221 -8.52 -28.37 -14.98
CA TYR A 221 -9.26 -28.14 -13.75
C TYR A 221 -9.79 -26.72 -13.73
N SER A 222 -10.92 -26.52 -13.04
CA SER A 222 -11.32 -25.17 -12.66
C SER A 222 -10.43 -24.73 -11.51
N ILE A 223 -10.16 -23.43 -11.42
CA ILE A 223 -9.35 -22.86 -10.34
C ILE A 223 -10.14 -21.74 -9.66
N ALA A 224 -10.31 -21.84 -8.35
CA ALA A 224 -10.89 -20.77 -7.54
C ALA A 224 -9.78 -20.14 -6.70
N PHE A 225 -9.81 -18.83 -6.55
CA PHE A 225 -8.75 -18.16 -5.79
C PHE A 225 -9.30 -16.86 -5.21
N GLY A 226 -8.54 -16.26 -4.30
CA GLY A 226 -8.96 -14.98 -3.76
C GLY A 226 -7.90 -13.93 -4.03
N HIS A 227 -7.46 -13.25 -2.98
CA HIS A 227 -6.20 -12.51 -2.91
C HIS A 227 -6.19 -11.20 -3.72
N TRP A 228 -6.56 -11.27 -5.00
CA TRP A 228 -6.34 -10.15 -5.92
C TRP A 228 -7.57 -9.24 -5.93
N ALA A 229 -7.65 -8.37 -4.93
CA ALA A 229 -8.85 -7.56 -4.73
C ALA A 229 -9.06 -6.55 -5.86
N SER A 230 -7.98 -6.01 -6.42
CA SER A 230 -8.14 -4.99 -7.47
C SER A 230 -8.71 -5.59 -8.75
N LEU A 231 -8.75 -6.92 -8.85
CA LEU A 231 -9.44 -7.58 -9.94
C LEU A 231 -10.95 -7.47 -9.81
N GLU A 232 -11.46 -7.27 -8.59
CA GLU A 232 -12.88 -7.11 -8.31
C GLU A 232 -13.71 -8.30 -8.78
N GLY A 233 -13.10 -9.48 -8.91
CA GLY A 233 -13.84 -10.67 -9.33
C GLY A 233 -14.18 -10.71 -10.80
N LYS A 234 -13.63 -9.80 -11.60
CA LYS A 234 -14.03 -9.61 -12.98
C LYS A 234 -12.87 -9.96 -13.90
N GLY A 235 -13.19 -10.20 -15.18
CA GLY A 235 -12.13 -10.30 -16.17
C GLY A 235 -11.45 -11.65 -16.29
N THR A 236 -12.05 -12.71 -15.76
CA THR A 236 -11.37 -13.99 -15.80
C THR A 236 -11.92 -14.86 -16.92
N PRO A 237 -11.10 -15.76 -17.46
CA PRO A 237 -11.59 -16.71 -18.48
C PRO A 237 -12.53 -17.74 -17.88
N GLU A 238 -13.17 -18.50 -18.77
CA GLU A 238 -14.01 -19.61 -18.36
C GLU A 238 -13.20 -20.57 -17.48
N GLY A 239 -13.79 -21.02 -16.38
CA GLY A 239 -13.13 -21.97 -15.52
C GLY A 239 -12.21 -21.37 -14.46
N ILE A 240 -12.10 -20.05 -14.40
CA ILE A 240 -11.27 -19.35 -13.44
C ILE A 240 -12.22 -18.48 -12.62
N TYR A 241 -12.19 -18.64 -11.29
CA TYR A 241 -13.17 -18.00 -10.40
C TYR A 241 -12.41 -17.13 -9.41
N ALA A 242 -12.46 -15.81 -9.60
CA ALA A 242 -11.81 -14.86 -8.71
C ALA A 242 -12.83 -14.41 -7.67
N LEU A 243 -12.70 -14.89 -6.44
CA LEU A 243 -13.72 -14.71 -5.42
C LEU A 243 -13.47 -13.54 -4.47
N ASP A 244 -12.33 -12.86 -4.54
CA ASP A 244 -12.06 -11.76 -3.63
C ASP A 244 -12.63 -10.46 -4.18
N THR A 245 -13.75 -10.01 -3.62
CA THR A 245 -14.39 -8.78 -4.07
C THR A 245 -14.26 -7.67 -3.02
N GLY A 246 -13.26 -7.76 -2.15
CA GLY A 246 -12.84 -6.63 -1.34
C GLY A 246 -13.71 -6.30 -0.15
N CYS A 247 -14.23 -7.29 0.57
CA CYS A 247 -15.16 -7.00 1.65
C CYS A 247 -14.53 -6.04 2.65
N CYS A 248 -13.32 -6.35 3.10
CA CYS A 248 -12.70 -5.51 4.13
C CYS A 248 -12.43 -4.10 3.63
N TRP A 249 -12.37 -3.89 2.31
CA TRP A 249 -12.10 -2.60 1.69
C TRP A 249 -13.36 -1.78 1.45
N GLY A 250 -14.51 -2.25 1.92
CA GLY A 250 -15.77 -1.61 1.58
C GLY A 250 -16.42 -2.13 0.31
N GLY A 251 -15.89 -3.21 -0.27
CA GLY A 251 -16.56 -3.84 -1.40
C GLY A 251 -17.61 -4.80 -0.90
N THR A 252 -17.51 -6.07 -1.28
CA THR A 252 -18.49 -7.07 -0.90
C THR A 252 -17.80 -8.40 -0.61
N LEU A 253 -18.50 -9.24 0.14
CA LEU A 253 -18.11 -10.63 0.36
C LEU A 253 -18.88 -11.51 -0.62
N THR A 254 -18.16 -12.32 -1.40
CA THR A 254 -18.81 -13.10 -2.45
C THR A 254 -18.76 -14.58 -2.12
N CYS A 255 -19.87 -15.25 -2.38
CA CYS A 255 -20.04 -16.69 -2.18
C CYS A 255 -20.52 -17.28 -3.48
N LEU A 256 -19.87 -18.35 -3.92
CA LEU A 256 -20.27 -19.06 -5.13
C LEU A 256 -20.73 -20.46 -4.73
N ARG A 257 -21.96 -20.83 -5.10
CA ARG A 257 -22.39 -22.21 -4.93
C ARG A 257 -21.96 -23.03 -6.15
N TRP A 258 -21.25 -24.13 -5.91
CA TRP A 258 -20.60 -24.82 -7.01
C TRP A 258 -21.60 -25.54 -7.90
N GLU A 259 -22.64 -26.13 -7.32
CA GLU A 259 -23.53 -27.00 -8.09
C GLU A 259 -24.20 -26.28 -9.24
N ASP A 260 -24.61 -25.03 -9.02
CA ASP A 260 -25.30 -24.27 -10.06
C ASP A 260 -24.56 -23.00 -10.46
N LYS A 261 -23.33 -22.82 -9.96
CA LYS A 261 -22.54 -21.61 -10.23
C LYS A 261 -23.33 -20.33 -9.94
N GLN A 262 -24.05 -20.35 -8.83
CA GLN A 262 -24.88 -19.21 -8.48
C GLN A 262 -24.13 -18.36 -7.45
N TYR A 263 -24.08 -17.05 -7.70
CA TYR A 263 -23.41 -16.13 -6.78
C TYR A 263 -24.37 -15.53 -5.76
N PHE A 264 -23.87 -15.36 -4.54
CA PHE A 264 -24.56 -14.66 -3.46
C PHE A 264 -23.60 -13.63 -2.89
N VAL A 265 -24.09 -12.43 -2.63
CA VAL A 265 -23.20 -11.33 -2.27
C VAL A 265 -23.69 -10.68 -0.98
N GLN A 266 -22.76 -10.36 -0.09
CA GLN A 266 -23.06 -9.66 1.15
C GLN A 266 -22.35 -8.31 1.11
N PRO A 267 -23.07 -7.19 1.19
CA PRO A 267 -22.40 -5.90 1.18
C PRO A 267 -21.55 -5.71 2.42
N SER A 268 -20.44 -4.99 2.25
CA SER A 268 -19.58 -4.64 3.38
C SER A 268 -20.34 -3.74 4.35
N ASN A 269 -20.10 -3.94 5.66
CA ASN A 269 -20.77 -3.13 6.68
C ASN A 269 -20.11 -1.78 6.94
N ARG A 270 -18.88 -1.58 6.48
CA ARG A 270 -18.22 -0.30 6.70
C ARG A 270 -18.63 0.73 5.63
N ALA B 2 3.49 39.79 -1.11
CA ALA B 2 2.78 38.88 -0.21
C ALA B 2 3.32 37.47 -0.34
N THR B 3 3.03 36.63 0.63
CA THR B 3 3.50 35.24 0.69
C THR B 3 2.29 34.32 0.72
N TYR B 4 2.22 33.39 -0.22
CA TYR B 4 1.09 32.49 -0.34
C TYR B 4 1.61 31.05 -0.19
N LEU B 5 0.88 30.24 0.58
CA LEU B 5 1.19 28.83 0.79
C LEU B 5 0.04 28.01 0.24
N ILE B 6 0.34 27.09 -0.66
CA ILE B 6 -0.69 26.27 -1.29
C ILE B 6 -0.35 24.80 -1.09
N GLY B 7 -1.38 24.01 -0.76
CA GLY B 7 -1.21 22.58 -0.52
C GLY B 7 -1.09 21.79 -1.81
N ASP B 8 -1.21 20.46 -1.68
CA ASP B 8 -0.92 19.56 -2.78
C ASP B 8 -1.77 19.87 -4.01
N VAL B 9 -1.10 20.16 -5.13
CA VAL B 9 -1.80 20.54 -6.35
C VAL B 9 -2.24 19.31 -7.16
N HIS B 10 -1.40 18.28 -7.21
CA HIS B 10 -1.75 17.01 -7.86
C HIS B 10 -2.31 17.22 -9.27
N GLY B 11 -1.57 17.98 -10.09
CA GLY B 11 -1.98 18.16 -11.48
C GLY B 11 -3.25 18.96 -11.67
N CYS B 12 -3.76 19.63 -10.63
CA CYS B 12 -4.99 20.42 -10.76
C CYS B 12 -4.62 21.83 -11.22
N TYR B 13 -4.18 21.90 -12.48
CA TYR B 13 -3.67 23.16 -13.03
C TYR B 13 -4.75 24.24 -13.04
N ASP B 14 -5.94 23.92 -13.57
CA ASP B 14 -6.99 24.92 -13.67
C ASP B 14 -7.34 25.50 -12.31
N GLU B 15 -7.43 24.65 -11.28
CA GLU B 15 -7.74 25.15 -9.93
C GLU B 15 -6.61 26.01 -9.38
N LEU B 16 -5.35 25.61 -9.61
CA LEU B 16 -4.22 26.40 -9.14
C LEU B 16 -4.25 27.80 -9.74
N ILE B 17 -4.44 27.89 -11.06
CA ILE B 17 -4.40 29.19 -11.71
C ILE B 17 -5.58 30.06 -11.27
N ALA B 18 -6.76 29.45 -11.09
CA ALA B 18 -7.91 30.22 -10.61
C ALA B 18 -7.68 30.77 -9.21
N LEU B 19 -7.08 29.96 -8.34
CA LEU B 19 -6.78 30.42 -6.98
C LEU B 19 -5.74 31.53 -7.00
N LEU B 20 -4.69 31.40 -7.83
CA LEU B 20 -3.68 32.46 -7.90
C LEU B 20 -4.25 33.76 -8.49
N HIS B 21 -5.20 33.66 -9.42
CA HIS B 21 -5.87 34.86 -9.93
C HIS B 21 -6.79 35.47 -8.88
N LYS B 22 -7.45 34.64 -8.06
CA LYS B 22 -8.26 35.17 -6.96
C LYS B 22 -7.45 36.10 -6.07
N VAL B 23 -6.21 35.70 -5.73
CA VAL B 23 -5.40 36.53 -4.85
C VAL B 23 -4.52 37.48 -5.63
N GLU B 24 -4.67 37.52 -6.95
CA GLU B 24 -3.87 38.37 -7.83
C GLU B 24 -2.37 38.17 -7.58
N PHE B 25 -1.95 36.91 -7.62
CA PHE B 25 -0.53 36.58 -7.43
C PHE B 25 0.34 37.23 -8.50
N THR B 26 1.37 37.94 -8.08
CA THR B 26 2.25 38.67 -8.99
C THR B 26 3.72 38.32 -8.78
N PRO B 27 4.30 37.49 -9.64
CA PRO B 27 5.72 37.13 -9.50
C PRO B 27 6.61 38.36 -9.45
N GLY B 28 7.60 38.34 -8.56
CA GLY B 28 8.46 39.47 -8.33
C GLY B 28 8.02 40.38 -7.19
N LYS B 29 6.71 40.50 -6.97
CA LYS B 29 6.17 41.13 -5.77
C LYS B 29 5.73 40.11 -4.73
N ASP B 30 5.32 38.92 -5.16
CA ASP B 30 4.79 37.89 -4.27
C ASP B 30 5.64 36.64 -4.38
N THR B 31 5.57 35.79 -3.35
CA THR B 31 6.27 34.51 -3.33
C THR B 31 5.26 33.40 -3.06
N LEU B 32 5.38 32.29 -3.78
CA LEU B 32 4.48 31.16 -3.61
C LEU B 32 5.26 30.00 -3.01
N TRP B 33 4.75 29.44 -1.91
CA TRP B 33 5.27 28.21 -1.31
C TRP B 33 4.31 27.07 -1.68
N LEU B 34 4.87 25.93 -2.11
CA LEU B 34 4.08 24.76 -2.49
C LEU B 34 4.57 23.56 -1.70
N THR B 35 3.62 22.82 -1.13
CA THR B 35 3.92 21.68 -0.26
C THR B 35 4.33 20.44 -1.01
N GLY B 36 4.40 20.47 -2.34
CA GLY B 36 4.80 19.28 -3.09
C GLY B 36 3.61 18.45 -3.52
N ASP B 37 3.90 17.29 -4.10
CA ASP B 37 2.89 16.52 -4.80
C ASP B 37 2.22 17.39 -5.86
N LEU B 38 3.07 17.93 -6.71
CA LEU B 38 2.63 18.77 -7.81
C LEU B 38 1.93 17.96 -8.89
N VAL B 39 2.18 16.67 -8.96
CA VAL B 39 1.86 15.87 -10.12
C VAL B 39 1.01 14.68 -9.69
N ALA B 40 0.41 14.01 -10.69
CA ALA B 40 -0.35 12.76 -10.54
C ALA B 40 -1.79 12.98 -10.08
N ARG B 41 -2.68 12.09 -10.52
CA ARG B 41 -4.10 12.05 -10.21
C ARG B 41 -4.91 13.11 -10.95
N GLY B 42 -4.56 14.38 -10.82
CA GLY B 42 -5.23 15.41 -11.58
C GLY B 42 -4.83 15.33 -13.04
N PRO B 43 -5.55 16.05 -13.91
CA PRO B 43 -5.30 15.91 -15.35
C PRO B 43 -4.12 16.71 -15.89
N GLY B 44 -3.58 17.69 -15.16
CA GLY B 44 -2.63 18.62 -15.76
C GLY B 44 -1.23 18.69 -15.18
N SER B 45 -0.63 17.54 -14.84
CA SER B 45 0.71 17.57 -14.24
C SER B 45 1.72 18.26 -15.14
N LEU B 46 1.60 18.06 -16.46
CA LEU B 46 2.53 18.70 -17.38
C LEU B 46 2.44 20.23 -17.29
N ASP B 47 1.22 20.78 -17.30
CA ASP B 47 1.05 22.23 -17.20
C ASP B 47 1.52 22.76 -15.84
N VAL B 48 1.21 22.03 -14.76
CA VAL B 48 1.66 22.47 -13.43
C VAL B 48 3.17 22.59 -13.38
N LEU B 49 3.90 21.56 -13.84
CA LEU B 49 5.36 21.64 -13.74
C LEU B 49 5.91 22.76 -14.62
N ARG B 50 5.41 22.90 -15.86
CA ARG B 50 5.90 23.98 -16.70
C ARG B 50 5.73 25.32 -16.01
N TYR B 51 4.54 25.57 -15.47
CA TYR B 51 4.28 26.87 -14.86
C TYR B 51 5.13 27.06 -13.61
N VAL B 52 5.18 26.08 -12.72
CA VAL B 52 5.92 26.27 -11.48
C VAL B 52 7.41 26.50 -11.77
N LYS B 53 7.98 25.74 -12.71
CA LYS B 53 9.38 25.97 -13.09
C LYS B 53 9.59 27.39 -13.63
N SER B 54 8.64 27.89 -14.41
CA SER B 54 8.77 29.24 -14.99
C SER B 54 8.78 30.33 -13.91
N LEU B 55 8.27 30.05 -12.72
CA LEU B 55 8.24 31.09 -11.68
C LEU B 55 9.62 31.38 -11.11
N GLY B 56 10.59 30.48 -11.27
CA GLY B 56 11.94 30.73 -10.77
C GLY B 56 11.96 30.99 -9.27
N ASP B 57 12.62 32.08 -8.88
CA ASP B 57 12.74 32.45 -7.47
C ASP B 57 11.44 32.90 -6.85
N SER B 58 10.36 33.07 -7.61
CA SER B 58 9.11 33.42 -6.98
C SER B 58 8.37 32.23 -6.41
N VAL B 59 8.93 31.02 -6.48
CA VAL B 59 8.30 29.86 -5.86
C VAL B 59 9.32 29.14 -4.99
N ARG B 60 8.86 28.64 -3.85
CA ARG B 60 9.63 27.82 -2.93
C ARG B 60 8.88 26.49 -2.79
N LEU B 61 9.40 25.48 -3.44
CA LEU B 61 8.82 24.15 -3.49
C LEU B 61 9.54 23.21 -2.51
N VAL B 62 8.81 22.24 -1.97
CA VAL B 62 9.42 21.03 -1.41
C VAL B 62 8.83 19.85 -2.18
N LEU B 63 9.64 18.80 -2.34
CA LEU B 63 9.20 17.60 -3.06
C LEU B 63 8.34 16.71 -2.16
N GLY B 64 7.31 16.10 -2.76
CA GLY B 64 6.46 15.16 -2.06
C GLY B 64 6.69 13.74 -2.57
N ASN B 65 5.94 12.82 -1.99
CA ASN B 65 6.13 11.40 -2.35
C ASN B 65 5.69 11.11 -3.79
N HIS B 66 4.71 11.85 -4.32
CA HIS B 66 4.33 11.61 -5.71
C HIS B 66 5.30 12.24 -6.68
N ASP B 67 5.96 13.33 -6.30
CA ASP B 67 7.04 13.87 -7.10
C ASP B 67 8.22 12.90 -7.16
N LEU B 68 8.55 12.26 -6.05
CA LEU B 68 9.64 11.28 -6.08
C LEU B 68 9.24 10.06 -6.90
N HIS B 69 7.98 9.64 -6.82
CA HIS B 69 7.55 8.55 -7.67
C HIS B 69 7.68 8.90 -9.15
N LEU B 70 7.27 10.10 -9.54
CA LEU B 70 7.43 10.52 -10.92
C LEU B 70 8.89 10.42 -11.36
N LEU B 71 9.82 10.89 -10.52
CA LEU B 71 11.24 10.82 -10.86
C LEU B 71 11.70 9.37 -11.02
N ALA B 72 11.19 8.48 -10.16
CA ALA B 72 11.53 7.05 -10.28
C ALA B 72 11.01 6.46 -11.58
N VAL B 73 9.78 6.84 -12.00
CA VAL B 73 9.26 6.34 -13.28
C VAL B 73 10.10 6.88 -14.41
N PHE B 74 10.42 8.18 -14.35
CA PHE B 74 11.23 8.81 -15.38
C PHE B 74 12.59 8.11 -15.52
N ALA B 75 13.21 7.74 -14.39
CA ALA B 75 14.51 7.09 -14.38
C ALA B 75 14.46 5.59 -14.68
N GLY B 76 13.29 5.03 -14.94
CA GLY B 76 13.17 3.61 -15.24
C GLY B 76 13.26 2.71 -14.03
N ILE B 77 13.20 3.29 -12.82
CA ILE B 77 13.23 2.53 -11.57
C ILE B 77 11.86 1.92 -11.27
N SER B 78 10.79 2.64 -11.58
CA SER B 78 9.44 2.24 -11.22
C SER B 78 8.57 2.30 -12.46
N ARG B 79 7.53 1.47 -12.47
CA ARG B 79 6.69 1.40 -13.64
C ARG B 79 5.54 2.38 -13.55
N ASN B 80 5.22 2.98 -14.69
CA ASN B 80 4.16 3.97 -14.78
C ASN B 80 2.78 3.32 -14.67
N LYS B 81 1.95 3.81 -13.75
CA LYS B 81 0.55 3.42 -13.71
C LYS B 81 -0.27 4.41 -14.54
N PRO B 82 -1.00 3.98 -15.57
CA PRO B 82 -1.75 4.94 -16.40
C PRO B 82 -2.74 5.78 -15.60
N LYS B 83 -3.35 5.19 -14.57
CA LYS B 83 -4.35 5.91 -13.80
C LYS B 83 -3.78 7.15 -13.12
N ASP B 84 -2.46 7.23 -12.96
CA ASP B 84 -1.81 8.37 -12.33
C ASP B 84 -1.75 9.60 -13.22
N ARG B 85 -2.02 9.42 -14.53
CA ARG B 85 -2.07 10.49 -15.52
C ARG B 85 -0.75 11.23 -15.66
N LEU B 86 0.34 10.48 -15.61
CA LEU B 86 1.65 11.06 -15.82
C LEU B 86 2.15 10.92 -17.26
N THR B 87 1.46 10.18 -18.10
CA THR B 87 2.04 9.87 -19.40
C THR B 87 2.25 11.12 -20.24
N PRO B 88 1.32 12.08 -20.29
CA PRO B 88 1.60 13.28 -21.10
C PRO B 88 2.88 13.97 -20.71
N LEU B 89 3.13 14.08 -19.40
CA LEU B 89 4.37 14.69 -18.92
C LEU B 89 5.57 13.84 -19.30
N LEU B 90 5.49 12.52 -19.09
CA LEU B 90 6.64 11.67 -19.41
C LEU B 90 6.98 11.72 -20.90
N GLU B 91 5.97 11.88 -21.75
CA GLU B 91 6.16 11.87 -23.20
C GLU B 91 6.35 13.26 -23.80
N ALA B 92 6.35 14.31 -22.97
CA ALA B 92 6.49 15.66 -23.50
C ALA B 92 7.90 15.88 -24.03
N PRO B 93 8.06 16.71 -25.06
CA PRO B 93 9.42 16.95 -25.57
C PRO B 93 10.34 17.61 -24.57
N ASP B 94 9.81 18.36 -23.59
CA ASP B 94 10.64 18.98 -22.55
C ASP B 94 10.66 18.16 -21.26
N ALA B 95 10.32 16.87 -21.31
CA ALA B 95 10.30 16.06 -20.10
C ALA B 95 11.64 16.10 -19.38
N ASP B 96 12.74 15.94 -20.12
CA ASP B 96 14.07 15.91 -19.50
C ASP B 96 14.35 17.21 -18.77
N GLU B 97 14.09 18.34 -19.43
CA GLU B 97 14.27 19.65 -18.82
C GLU B 97 13.43 19.80 -17.54
N LEU B 98 12.15 19.43 -17.61
CA LEU B 98 11.27 19.59 -16.45
C LEU B 98 11.71 18.73 -15.27
N LEU B 99 12.06 17.47 -15.54
CA LEU B 99 12.33 16.53 -14.44
C LEU B 99 13.74 16.69 -13.89
N ASN B 100 14.70 17.11 -14.72
CA ASN B 100 16.02 17.45 -14.19
C ASN B 100 15.94 18.69 -13.31
N TRP B 101 15.03 19.61 -13.60
CA TRP B 101 14.77 20.72 -12.68
C TRP B 101 14.08 20.22 -11.41
N LEU B 102 13.07 19.36 -11.54
CA LEU B 102 12.31 18.91 -10.38
C LEU B 102 13.23 18.22 -9.37
N ARG B 103 14.13 17.36 -9.84
CA ARG B 103 14.95 16.60 -8.90
C ARG B 103 15.95 17.46 -8.15
N ARG B 104 16.16 18.71 -8.57
CA ARG B 104 17.05 19.62 -7.89
C ARG B 104 16.33 20.46 -6.85
N GLN B 105 15.03 20.22 -6.61
CA GLN B 105 14.32 21.10 -5.69
C GLN B 105 14.43 20.57 -4.28
N PRO B 106 14.23 21.43 -3.27
CA PRO B 106 14.50 21.04 -1.88
C PRO B 106 13.46 20.08 -1.31
N LEU B 107 13.85 19.42 -0.21
CA LEU B 107 12.92 18.69 0.65
C LEU B 107 12.41 19.54 1.80
N LEU B 108 13.06 20.66 2.06
CA LEU B 108 12.76 21.45 3.24
C LEU B 108 12.97 22.92 2.92
N GLN B 109 12.01 23.76 3.29
CA GLN B 109 12.14 25.21 3.15
C GLN B 109 12.07 25.86 4.54
N ILE B 110 12.96 26.79 4.83
CA ILE B 110 13.00 27.50 6.10
C ILE B 110 13.14 28.99 5.82
N ASP B 111 12.28 29.79 6.43
CA ASP B 111 12.36 31.25 6.37
C ASP B 111 12.51 31.76 7.81
N GLU B 112 13.71 32.27 8.14
CA GLU B 112 13.98 32.67 9.51
C GLU B 112 13.24 33.95 9.88
N GLU B 113 13.01 34.86 8.92
CA GLU B 113 12.30 36.09 9.23
C GLU B 113 10.83 35.82 9.52
N LYS B 114 10.26 34.78 8.92
CA LYS B 114 8.90 34.39 9.21
C LYS B 114 8.81 33.33 10.29
N LYS B 115 9.94 32.76 10.73
CA LYS B 115 9.93 31.60 11.63
C LYS B 115 8.98 30.53 11.10
N LEU B 116 9.18 30.18 9.83
CA LEU B 116 8.31 29.27 9.12
C LEU B 116 9.15 28.17 8.48
N VAL B 117 8.72 26.93 8.64
CA VAL B 117 9.35 25.74 8.09
C VAL B 117 8.32 25.04 7.24
N MET B 118 8.73 24.55 6.07
CA MET B 118 7.80 23.76 5.27
C MET B 118 8.48 22.48 4.81
N ALA B 119 7.76 21.36 4.91
CA ALA B 119 8.16 20.08 4.32
C ALA B 119 6.89 19.38 3.88
N HIS B 120 7.02 18.36 3.03
CA HIS B 120 5.80 17.80 2.44
C HIS B 120 4.90 17.19 3.50
N ALA B 121 5.47 16.35 4.36
CA ALA B 121 4.69 15.62 5.35
C ALA B 121 4.80 16.22 6.74
N GLY B 122 5.76 17.10 6.98
CA GLY B 122 5.91 17.72 8.27
C GLY B 122 7.30 17.50 8.81
N ILE B 123 7.50 17.69 10.12
CA ILE B 123 8.81 17.49 10.74
C ILE B 123 8.64 16.45 11.84
N THR B 124 9.30 15.30 11.70
CA THR B 124 9.14 14.29 12.73
C THR B 124 9.54 14.87 14.09
N PRO B 125 8.82 14.52 15.16
CA PRO B 125 9.21 15.01 16.49
C PRO B 125 10.55 14.47 16.95
N GLN B 126 11.12 13.48 16.25
CA GLN B 126 12.46 13.02 16.60
C GLN B 126 13.56 13.91 16.09
N TRP B 127 13.23 14.96 15.34
CA TRP B 127 14.25 15.82 14.74
C TRP B 127 14.22 17.21 15.35
N ASP B 128 15.40 17.75 15.65
CA ASP B 128 15.52 19.19 15.85
C ASP B 128 15.82 19.84 14.52
N LEU B 129 15.87 21.18 14.49
CA LEU B 129 15.98 21.85 13.19
C LEU B 129 17.32 21.56 12.53
N GLN B 130 18.41 21.57 13.29
CA GLN B 130 19.72 21.32 12.70
C GLN B 130 19.78 19.94 12.04
N THR B 131 19.20 18.93 12.70
CA THR B 131 19.18 17.60 12.10
C THR B 131 18.30 17.58 10.85
N ALA B 132 17.10 18.17 10.93
CA ALA B 132 16.26 18.22 9.73
C ALA B 132 17.00 18.87 8.57
N LYS B 133 17.73 19.95 8.85
CA LYS B 133 18.48 20.62 7.79
C LYS B 133 19.57 19.72 7.22
N GLU B 134 20.30 19.04 8.10
CA GLU B 134 21.37 18.18 7.61
C GLU B 134 20.80 17.03 6.79
N CYS B 135 19.67 16.47 7.23
CA CYS B 135 19.06 15.37 6.50
C CYS B 135 18.54 15.81 5.14
N ALA B 136 17.86 16.96 5.07
CA ALA B 136 17.43 17.47 3.77
C ALA B 136 18.61 17.69 2.84
N ARG B 137 19.69 18.27 3.37
CA ARG B 137 20.86 18.51 2.52
C ARG B 137 21.40 17.20 1.97
N ASP B 138 21.42 16.15 2.79
CA ASP B 138 21.98 14.89 2.32
C ASP B 138 21.16 14.27 1.21
N VAL B 139 19.82 14.28 1.33
CA VAL B 139 19.02 13.65 0.30
C VAL B 139 18.97 14.53 -0.94
N GLU B 140 18.90 15.85 -0.75
CA GLU B 140 18.94 16.75 -1.91
C GLU B 140 20.23 16.56 -2.69
N ALA B 141 21.34 16.24 -2.00
CA ALA B 141 22.60 16.03 -2.72
C ALA B 141 22.54 14.80 -3.60
N VAL B 142 21.92 13.70 -3.13
CA VAL B 142 21.84 12.51 -3.99
C VAL B 142 20.84 12.72 -5.13
N LEU B 143 19.73 13.43 -4.87
CA LEU B 143 18.76 13.67 -5.93
C LEU B 143 19.32 14.56 -7.04
N SER B 144 20.17 15.52 -6.67
CA SER B 144 20.84 16.43 -7.59
C SER B 144 22.01 15.79 -8.34
N SER B 145 22.46 14.62 -7.91
CA SER B 145 23.66 14.01 -8.46
C SER B 145 23.35 13.18 -9.71
N ASP B 146 24.41 12.87 -10.47
CA ASP B 146 24.27 12.03 -11.64
C ASP B 146 23.77 10.64 -11.33
N SER B 147 23.90 10.18 -10.09
CA SER B 147 23.51 8.81 -9.73
C SER B 147 22.15 8.77 -9.05
N TYR B 148 21.28 9.74 -9.32
CA TYR B 148 20.01 9.76 -8.63
C TYR B 148 19.13 8.52 -8.89
N PRO B 149 19.24 7.81 -10.02
CA PRO B 149 18.40 6.60 -10.16
C PRO B 149 18.73 5.54 -9.12
N PHE B 150 20.00 5.44 -8.73
N PHE B 150 20.02 5.29 -8.91
CA PHE B 150 20.35 4.52 -7.65
CA PHE B 150 20.42 4.34 -7.89
C PHE B 150 19.76 4.95 -6.31
C PHE B 150 19.79 4.68 -6.55
N PHE B 151 19.81 6.25 -5.99
N PHE B 151 19.74 5.96 -6.20
CA PHE B 151 19.11 6.67 -4.78
CA PHE B 151 19.21 6.37 -4.91
C PHE B 151 17.64 6.32 -4.87
C PHE B 151 17.68 6.37 -4.87
N LEU B 152 17.01 6.64 -6.01
CA LEU B 152 15.56 6.49 -6.09
C LEU B 152 15.16 5.03 -5.88
N ASP B 153 15.97 4.10 -6.36
CA ASP B 153 15.69 2.69 -6.11
C ASP B 153 15.92 2.35 -4.64
N ALA B 154 16.97 2.92 -4.04
CA ALA B 154 17.35 2.65 -2.66
C ALA B 154 16.33 3.21 -1.68
N MET B 155 15.64 4.29 -2.08
CA MET B 155 14.74 5.00 -1.20
C MET B 155 13.54 4.16 -0.77
N TYR B 156 13.14 3.17 -1.57
CA TYR B 156 11.96 2.39 -1.24
C TYR B 156 12.21 1.51 -0.02
N GLY B 157 11.22 1.46 0.87
CA GLY B 157 11.30 0.68 2.09
C GLY B 157 10.59 1.39 3.23
N ASP B 158 10.18 0.61 4.21
CA ASP B 158 9.44 1.11 5.37
C ASP B 158 10.25 1.12 6.66
N MET B 159 11.49 0.61 6.64
CA MET B 159 12.34 0.50 7.82
C MET B 159 13.68 1.15 7.51
N PRO B 160 14.38 1.66 8.53
CA PRO B 160 13.99 1.74 9.94
C PRO B 160 12.92 2.80 10.15
N ASN B 161 12.22 2.75 11.26
CA ASN B 161 11.19 3.72 11.58
C ASN B 161 11.53 4.54 12.83
N ASN B 162 12.78 4.49 13.27
CA ASN B 162 13.23 5.20 14.46
C ASN B 162 14.52 5.95 14.13
N TRP B 163 14.52 7.26 14.34
CA TRP B 163 15.73 8.02 14.06
C TRP B 163 16.80 7.80 15.11
N SER B 164 18.05 7.71 14.66
CA SER B 164 19.22 7.82 15.52
C SER B 164 20.32 8.50 14.72
N PRO B 165 21.11 9.39 15.32
CA PRO B 165 22.29 9.93 14.63
C PRO B 165 23.28 8.86 14.21
N GLU B 166 23.15 7.63 14.73
CA GLU B 166 24.03 6.53 14.37
C GLU B 166 23.59 5.80 13.11
N LEU B 167 22.40 6.07 12.61
CA LEU B 167 21.96 5.41 11.39
C LEU B 167 22.95 5.71 10.26
N ARG B 168 23.21 4.71 9.43
CA ARG B 168 24.14 4.82 8.32
C ARG B 168 23.54 4.19 7.07
N GLY B 169 24.08 4.58 5.92
CA GLY B 169 23.77 3.83 4.72
C GLY B 169 22.30 3.90 4.31
N LEU B 170 21.83 2.79 3.73
CA LEU B 170 20.49 2.75 3.14
C LEU B 170 19.42 3.06 4.18
N GLY B 171 19.56 2.53 5.39
CA GLY B 171 18.57 2.79 6.42
C GLY B 171 18.43 4.27 6.72
N ARG B 172 19.56 4.98 6.77
CA ARG B 172 19.51 6.42 7.01
C ARG B 172 18.75 7.15 5.90
N LEU B 173 19.07 6.88 4.63
CA LEU B 173 18.34 7.51 3.53
C LEU B 173 16.86 7.20 3.53
N ARG B 174 16.52 5.93 3.78
CA ARG B 174 15.12 5.54 3.77
C ARG B 174 14.34 6.23 4.89
N PHE B 175 14.93 6.31 6.08
CA PHE B 175 14.22 7.03 7.15
C PHE B 175 14.02 8.50 6.77
N ILE B 176 15.07 9.16 6.29
CA ILE B 176 14.95 10.57 5.94
C ILE B 176 13.85 10.78 4.91
N THR B 177 13.83 9.96 3.86
CA THR B 177 12.82 10.11 2.82
C THR B 177 11.43 9.90 3.37
N ASN B 178 11.27 8.87 4.21
CA ASN B 178 9.97 8.58 4.78
C ASN B 178 9.52 9.69 5.71
N ALA B 179 10.44 10.24 6.49
CA ALA B 179 10.06 11.30 7.42
C ALA B 179 9.59 12.54 6.67
N PHE B 180 10.30 12.94 5.61
CA PHE B 180 9.90 14.15 4.91
C PHE B 180 8.67 13.97 4.03
N THR B 181 8.47 12.79 3.42
CA THR B 181 7.49 12.69 2.35
C THR B 181 6.35 11.71 2.58
N ARG B 182 6.40 10.88 3.62
CA ARG B 182 5.34 9.90 3.80
C ARG B 182 4.69 9.92 5.18
N MET B 183 5.30 10.60 6.15
CA MET B 183 4.90 10.45 7.55
C MET B 183 3.47 10.97 7.78
N ARG B 184 2.72 10.30 8.64
CA ARG B 184 1.46 10.79 9.17
C ARG B 184 1.42 10.49 10.66
N PHE B 185 1.29 9.22 11.01
CA PHE B 185 1.14 8.77 12.39
C PHE B 185 2.47 8.37 13.02
N CYS B 186 2.55 8.60 14.33
CA CYS B 186 3.67 8.16 15.15
C CYS B 186 3.16 7.30 16.30
N PHE B 187 4.03 6.40 16.75
CA PHE B 187 3.84 5.75 18.03
C PHE B 187 4.18 6.75 19.13
N PRO B 188 3.74 6.48 20.36
CA PRO B 188 3.98 7.46 21.44
C PRO B 188 5.42 7.90 21.57
N ASN B 189 6.37 7.01 21.31
CA ASN B 189 7.79 7.33 21.39
C ASN B 189 8.32 8.08 20.17
N GLY B 190 7.45 8.45 19.23
CA GLY B 190 7.88 9.20 18.07
C GLY B 190 8.25 8.38 16.85
N GLN B 191 8.31 7.05 16.95
CA GLN B 191 8.68 6.25 15.78
C GLN B 191 7.56 6.30 14.73
N LEU B 192 7.95 6.21 13.46
CA LEU B 192 7.00 6.37 12.37
C LEU B 192 6.13 5.12 12.17
N ASP B 193 4.85 5.33 11.92
CA ASP B 193 4.01 4.28 11.35
C ASP B 193 3.86 4.55 9.86
N MET B 194 4.18 3.56 9.04
N MET B 194 4.19 3.56 9.04
CA MET B 194 4.19 3.74 7.59
CA MET B 194 4.19 3.75 7.59
C MET B 194 2.97 3.14 6.90
C MET B 194 2.97 3.17 6.91
N TYR B 195 1.91 2.80 7.65
CA TYR B 195 0.78 2.08 7.04
C TYR B 195 -0.57 2.78 7.16
N SER B 196 -0.88 3.42 8.30
CA SER B 196 -2.19 4.05 8.46
C SER B 196 -2.24 5.42 7.79
N LYS B 197 -3.29 5.64 6.98
CA LYS B 197 -3.48 6.88 6.26
C LYS B 197 -4.82 7.56 6.56
N GLU B 198 -5.54 7.07 7.58
CA GLU B 198 -6.90 7.54 7.86
C GLU B 198 -6.83 8.80 8.71
N SER B 199 -8.00 9.39 9.03
CA SER B 199 -8.00 10.54 9.91
C SER B 199 -7.63 10.12 11.33
N PRO B 200 -7.15 11.07 12.15
CA PRO B 200 -6.72 10.70 13.51
C PRO B 200 -7.80 10.01 14.32
N GLU B 201 -9.07 10.43 14.15
CA GLU B 201 -10.16 9.83 14.93
C GLU B 201 -10.39 8.38 14.57
N GLU B 202 -10.09 7.98 13.32
CA GLU B 202 -10.33 6.61 12.87
C GLU B 202 -9.11 5.70 12.99
N ALA B 203 -7.98 6.21 13.49
CA ALA B 203 -6.71 5.47 13.47
C ALA B 203 -6.66 4.45 14.61
N PRO B 204 -6.04 3.29 14.38
CA PRO B 204 -5.88 2.31 15.46
C PRO B 204 -4.94 2.77 16.55
N ALA B 205 -5.25 2.36 17.79
CA ALA B 205 -4.33 2.64 18.88
C ALA B 205 -3.01 1.88 18.67
N PRO B 206 -1.90 2.42 19.16
CA PRO B 206 -1.75 3.68 19.91
C PRO B 206 -1.33 4.85 19.03
N LEU B 207 -1.69 4.86 17.75
CA LEU B 207 -1.15 5.85 16.83
C LEU B 207 -1.70 7.25 17.09
N LYS B 208 -0.83 8.26 16.98
CA LYS B 208 -1.19 9.66 17.09
C LYS B 208 -0.56 10.47 15.96
N PRO B 209 -1.19 11.56 15.51
CA PRO B 209 -0.54 12.41 14.49
C PRO B 209 0.85 12.85 14.95
N TRP B 210 1.77 12.97 13.98
CA TRP B 210 3.12 13.42 14.30
C TRP B 210 3.12 14.74 15.04
N PHE B 211 2.18 15.62 14.70
CA PHE B 211 2.17 16.95 15.32
C PHE B 211 1.56 16.93 16.71
N ALA B 212 0.99 15.80 17.14
CA ALA B 212 0.46 15.67 18.49
C ALA B 212 1.54 15.28 19.50
N ILE B 213 2.75 15.06 19.05
CA ILE B 213 3.89 14.70 19.89
C ILE B 213 4.81 15.91 19.95
N PRO B 214 5.01 16.52 21.13
CA PRO B 214 5.83 17.73 21.20
C PRO B 214 7.23 17.47 20.65
N GLY B 215 7.66 18.34 19.74
CA GLY B 215 8.96 18.24 19.14
C GLY B 215 9.66 19.58 19.15
N PRO B 216 10.99 19.57 19.05
CA PRO B 216 11.75 20.83 19.20
C PRO B 216 11.47 21.86 18.13
N VAL B 217 11.24 21.44 16.88
CA VAL B 217 11.05 22.45 15.83
C VAL B 217 9.78 23.25 16.09
N ALA B 218 8.69 22.57 16.46
CA ALA B 218 7.41 23.26 16.67
C ALA B 218 7.45 24.22 17.85
N GLU B 219 8.45 24.10 18.73
CA GLU B 219 8.55 25.05 19.83
C GLU B 219 9.00 26.42 19.35
N GLU B 220 9.78 26.49 18.27
CA GLU B 220 10.31 27.75 17.79
C GLU B 220 9.73 28.19 16.45
N TYR B 221 9.19 27.27 15.65
CA TYR B 221 8.77 27.58 14.30
C TYR B 221 7.34 27.14 14.03
N SER B 222 6.68 27.86 13.15
CA SER B 222 5.46 27.37 12.53
C SER B 222 5.85 26.33 11.50
N ILE B 223 4.99 25.32 11.33
CA ILE B 223 5.23 24.27 10.34
C ILE B 223 4.05 24.23 9.40
N ALA B 224 4.32 24.37 8.10
CA ALA B 224 3.35 24.16 7.05
C ALA B 224 3.70 22.88 6.31
N PHE B 225 2.67 22.10 5.98
CA PHE B 225 2.88 20.82 5.30
C PHE B 225 1.63 20.50 4.48
N GLY B 226 1.73 19.51 3.60
CA GLY B 226 0.59 19.05 2.82
C GLY B 226 0.30 17.59 3.10
N HIS B 227 0.25 16.77 2.05
CA HIS B 227 0.36 15.30 2.12
C HIS B 227 -0.84 14.57 2.70
N TRP B 228 -1.28 14.95 3.89
CA TRP B 228 -2.24 14.16 4.66
C TRP B 228 -3.68 14.57 4.34
N ALA B 229 -4.18 14.05 3.22
CA ALA B 229 -5.49 14.49 2.74
C ALA B 229 -6.63 14.09 3.69
N SER B 230 -6.53 12.93 4.35
CA SER B 230 -7.64 12.53 5.22
C SER B 230 -7.76 13.41 6.47
N LEU B 231 -6.72 14.21 6.77
CA LEU B 231 -6.82 15.20 7.82
C LEU B 231 -7.74 16.35 7.42
N GLU B 232 -7.89 16.58 6.12
CA GLU B 232 -8.77 17.63 5.59
C GLU B 232 -8.41 19.02 6.13
N GLY B 233 -7.14 19.22 6.48
CA GLY B 233 -6.73 20.53 6.95
C GLY B 233 -7.19 20.87 8.35
N LYS B 234 -7.70 19.90 9.09
CA LYS B 234 -8.35 20.15 10.37
C LYS B 234 -7.62 19.46 11.51
N GLY B 235 -7.88 19.94 12.72
CA GLY B 235 -7.41 19.23 13.91
C GLY B 235 -5.97 19.48 14.31
N THR B 236 -5.36 20.55 13.83
CA THR B 236 -3.96 20.79 14.16
C THR B 236 -3.81 21.81 15.27
N PRO B 237 -2.73 21.74 16.05
CA PRO B 237 -2.49 22.76 17.08
C PRO B 237 -2.11 24.09 16.47
N GLU B 238 -2.08 25.12 17.31
CA GLU B 238 -1.63 26.43 16.88
C GLU B 238 -0.20 26.35 16.34
N GLY B 239 0.04 27.01 15.20
CA GLY B 239 1.35 27.02 14.61
C GLY B 239 1.62 25.88 13.66
N ILE B 240 0.66 24.99 13.45
CA ILE B 240 0.77 23.86 12.53
C ILE B 240 -0.31 24.06 11.47
N TYR B 241 0.09 24.08 10.21
CA TYR B 241 -0.79 24.42 9.11
C TYR B 241 -0.82 23.27 8.14
N ALA B 242 -1.95 22.55 8.13
CA ALA B 242 -2.16 21.41 7.23
C ALA B 242 -2.91 21.92 6.01
N LEU B 243 -2.20 22.05 4.89
CA LEU B 243 -2.73 22.75 3.72
C LEU B 243 -3.34 21.84 2.66
N ASP B 244 -3.26 20.53 2.83
CA ASP B 244 -3.77 19.60 1.82
C ASP B 244 -5.24 19.31 2.09
N THR B 245 -6.14 19.94 1.31
CA THR B 245 -7.57 19.75 1.49
C THR B 245 -8.15 18.92 0.34
N GLY B 246 -7.29 18.16 -0.34
CA GLY B 246 -7.76 17.10 -1.20
C GLY B 246 -8.34 17.52 -2.53
N CYS B 247 -7.71 18.49 -3.20
CA CYS B 247 -8.27 19.00 -4.45
C CYS B 247 -8.46 17.89 -5.48
N CYS B 248 -7.44 17.08 -5.70
CA CYS B 248 -7.55 16.03 -6.73
C CYS B 248 -8.59 14.98 -6.37
N TRP B 249 -8.96 14.86 -5.10
CA TRP B 249 -9.96 13.91 -4.62
C TRP B 249 -11.38 14.45 -4.67
N GLY B 250 -11.57 15.66 -5.22
CA GLY B 250 -12.87 16.31 -5.15
C GLY B 250 -13.08 17.21 -3.95
N GLY B 251 -12.04 17.51 -3.18
CA GLY B 251 -12.13 18.48 -2.10
C GLY B 251 -11.91 19.89 -2.60
N THR B 252 -10.92 20.58 -2.05
CA THR B 252 -10.64 21.97 -2.45
C THR B 252 -9.14 22.18 -2.49
N LEU B 253 -8.73 23.20 -3.22
CA LEU B 253 -7.35 23.68 -3.19
C LEU B 253 -7.29 24.88 -2.25
N THR B 254 -6.39 24.83 -1.26
CA THR B 254 -6.33 25.85 -0.22
C THR B 254 -5.06 26.67 -0.33
N CYS B 255 -5.20 27.98 -0.14
CA CYS B 255 -4.12 28.94 -0.16
C CYS B 255 -4.16 29.72 1.13
N LEU B 256 -3.02 29.85 1.80
CA LEU B 256 -2.91 30.64 3.02
C LEU B 256 -2.00 31.83 2.74
N ARG B 257 -2.50 33.03 2.94
CA ARG B 257 -1.65 34.20 2.86
C ARG B 257 -0.99 34.43 4.22
N TRP B 258 0.34 34.50 4.22
CA TRP B 258 1.06 34.45 5.50
C TRP B 258 0.90 35.74 6.31
N GLU B 259 0.90 36.90 5.62
CA GLU B 259 0.94 38.18 6.33
C GLU B 259 -0.25 38.34 7.29
N ASP B 260 -1.45 37.95 6.86
CA ASP B 260 -2.62 38.09 7.71
C ASP B 260 -3.27 36.76 8.05
N LYS B 261 -2.63 35.64 7.71
CA LYS B 261 -3.20 34.30 7.93
C LYS B 261 -4.60 34.18 7.36
N GLN B 262 -4.80 34.70 6.16
CA GLN B 262 -6.11 34.69 5.54
C GLN B 262 -6.14 33.51 4.57
N TYR B 263 -7.20 32.70 4.65
CA TYR B 263 -7.36 31.53 3.78
C TYR B 263 -8.20 31.86 2.55
N PHE B 264 -7.82 31.26 1.42
CA PHE B 264 -8.57 31.33 0.17
C PHE B 264 -8.72 29.92 -0.37
N VAL B 265 -9.90 29.59 -0.87
CA VAL B 265 -10.21 28.21 -1.25
C VAL B 265 -10.74 28.19 -2.68
N GLN B 266 -10.27 27.23 -3.46
CA GLN B 266 -10.75 27.01 -4.82
C GLN B 266 -11.42 25.65 -4.87
N PRO B 267 -12.70 25.55 -5.20
CA PRO B 267 -13.35 24.23 -5.28
C PRO B 267 -12.75 23.37 -6.39
N SER B 268 -12.75 22.06 -6.14
CA SER B 268 -12.28 21.11 -7.14
C SER B 268 -13.20 21.11 -8.36
N ASN B 269 -12.62 20.94 -9.54
CA ASN B 269 -13.40 20.78 -10.76
C ASN B 269 -13.90 19.36 -10.94
N ARG B 270 -13.38 18.40 -10.17
CA ARG B 270 -13.79 17.00 -10.27
C ARG B 270 -15.11 16.77 -9.54
C29 A1IF9 C . -3.35 -4.99 -2.27
C30 A1IF9 C . -3.54 -3.57 -2.76
C31 A1IF9 C . -3.79 -2.63 -1.58
C32 A1IF9 C . -5.27 -2.22 -1.75
C33 A1IF9 C . -5.45 -2.35 -3.27
C36 A1IF9 C . -7.36 -1.96 -4.90
C37 A1IF9 C . -8.68 -2.36 -4.91
C39 A1IF9 C . -7.84 -3.19 -3.15
C40 A1IF9 C . -9.46 -1.95 -6.02
C42 A1IF9 C . -7.56 -0.90 -6.82
N35 A1IF9 C . -6.82 -2.51 -3.75
N38 A1IF9 C . -8.98 -3.14 -3.80
N41 A1IF9 C . -8.85 -1.21 -6.97
N43 A1IF9 C . -6.73 -1.24 -5.82
N44 A1IF9 C . -10.77 -2.24 -6.15
O16 A1IF9 C . 1.15 -8.17 -3.13
O18 A1IF9 C . 1.84 -8.62 -0.75
O19 A1IF9 C . -0.59 -7.82 -1.34
O21 A1IF9 C . -0.65 -5.65 -0.10
O22 A1IF9 C . -2.40 -7.33 0.48
O24 A1IF9 C . -2.87 -9.68 -0.28
O25 A1IF9 C . -4.02 -7.75 -1.48
O27 A1IF9 C . -5.60 -6.87 -3.17
O28 A1IF9 C . -4.54 -5.33 -1.52
O34 A1IF9 C . -4.68 -3.47 -3.65
O45 A1IF9 C . -5.54 -0.88 -1.32
O46 A1IF9 C . -2.93 -1.48 -1.50
O47 A1IF9 C . -6.28 -6.88 -0.71
O48 A1IF9 C . -4.65 -8.47 0.81
O49 A1IF9 C . 0.04 -7.63 1.09
O50 A1IF9 C . 0.29 -10.12 -2.02
P17 A1IF9 C . 0.66 -8.70 -1.84
P20 A1IF9 C . -0.88 -7.09 0.06
P23 A1IF9 C . -3.49 -8.35 -0.09
P26 A1IF9 C . -5.23 -6.74 -1.74
H7 A1IF9 C . -2.57 -5.08 -1.68
H8 A1IF9 C . -3.24 -5.62 -3.01
H9 A1IF9 C . -2.77 -3.27 -3.31
H10 A1IF9 C . -3.67 -3.12 -0.74
H11 A1IF9 C . -5.83 -2.83 -1.23
H12 A1IF9 C . -5.14 -1.54 -3.72
H13 A1IF9 C . -7.68 -3.66 -2.31
H14 A1IF9 C . -7.17 -0.37 -7.54
H17 A1IF9 C . -11.15 -2.71 -5.51
H18 A1IF9 C . -11.17 -1.93 -6.88
H21 A1IF9 C . -6.22 -0.98 -0.84
P U D . -2.53 -1.15 -0.03
OP1 U D . -1.34 -0.36 -0.44
OP2 U D . -3.66 -0.44 0.63
O5' U D . -2.08 -2.38 0.87
MN MN E . -6.62 -10.36 0.97
MG MG F . -6.60 -10.58 0.86
MN MN G . -3.96 -12.19 -0.21
C29 A1IF9 H . -3.80 8.37 0.93
C30 A1IF9 H . -5.09 7.67 1.25
C31 A1IF9 H . -5.81 7.20 -0.01
C32 A1IF9 H . -6.98 8.16 -0.13
C33 A1IF9 H . -7.25 8.53 1.31
C36 A1IF9 H . -8.92 10.11 2.34
C37 A1IF9 H . -9.25 11.43 2.10
C39 A1IF9 H . -7.66 10.97 0.76
C40 A1IF9 H . -10.32 11.97 2.84
C42 A1IF9 H . -10.51 9.89 3.84
N35 A1IF9 H . -7.90 9.82 1.48
N38 A1IF9 H . -8.44 11.96 1.10
N41 A1IF9 H . -10.94 11.15 3.72
N43 A1IF9 H . -9.52 9.28 3.20
N44 A1IF9 H . -10.74 13.23 2.72
O16 A1IF9 H . 1.77 7.67 2.56
O18 A1IF9 H . 2.77 9.11 0.79
O19 A1IF9 H . 0.39 8.06 0.45
O21 A1IF9 H . 0.89 7.17 -1.87
O22 A1IF9 H . -0.94 8.90 -1.57
O24 A1IF9 H . 0.58 10.63 -0.60
O25 A1IF9 H . -1.80 10.55 0.24
O27 A1IF9 H . -3.68 11.83 -0.84
O28 A1IF9 H . -4.07 9.50 0.08
O34 A1IF9 H . -5.97 8.61 1.92
O45 A1IF9 H . -8.14 7.52 -0.67
O46 A1IF9 H . -6.20 5.84 0.20
O47 A1IF9 H . -3.68 11.33 1.68
O48 A1IF9 H . -1.18 11.44 -2.01
O49 A1IF9 H . -1.17 6.50 -0.79
O50 A1IF9 H . 2.50 6.67 0.48
P17 A1IF9 H . 1.86 7.85 1.09
P20 A1IF9 H . -0.19 7.62 -0.96
P23 A1IF9 H . -0.82 10.40 -1.02
P26 A1IF9 H . -3.36 10.92 0.29
H7 A1IF9 H . -3.17 7.77 0.47
H8 A1IF9 H . -3.35 8.69 1.74
H9 A1IF9 H . -4.97 6.91 1.87
H10 A1IF9 H . -5.30 7.28 -0.84
H11 A1IF9 H . -6.72 8.91 -0.70
H12 A1IF9 H . -7.80 7.88 1.77
H13 A1IF9 H . -6.96 11.00 0.09
H14 A1IF9 H . -11.00 9.35 4.50
H17 A1IF9 H . -10.33 13.75 2.14
H18 A1IF9 H . -11.42 13.49 3.23
H21 A1IF9 H . -8.15 6.78 -0.26
P U I . -6.34 4.87 -1.03
OP1 U I . -5.72 3.68 -0.35
OP2 U I . -5.66 5.56 -2.19
O5' U I . -7.92 4.71 -1.26
N1 EPE J . 10.34 -1.06 -7.22
C2 EPE J . 11.16 -2.15 -7.76
C3 EPE J . 12.07 -2.64 -6.65
N4 EPE J . 12.87 -1.58 -6.05
C5 EPE J . 12.19 -0.32 -5.77
C6 EPE J . 11.19 0.08 -6.86
C7 EPE J . 13.94 -1.94 -5.13
C8 EPE J . 14.51 -3.35 -5.35
O8 EPE J . 15.57 -3.34 -6.29
C9 EPE J . 9.42 -0.64 -8.28
C10 EPE J . 8.23 -1.57 -8.31
S EPE J . 6.96 -0.87 -9.38
O1S EPE J . 7.54 -0.64 -10.69
O2S EPE J . 5.84 -1.80 -9.55
O3S EPE J . 6.55 0.37 -8.73
H21 EPE J . 11.75 -1.79 -8.61
H22 EPE J . 10.53 -2.96 -8.11
H31 EPE J . 12.74 -3.40 -7.06
H32 EPE J . 11.47 -3.10 -5.88
H51 EPE J . 12.93 0.47 -5.66
H52 EPE J . 11.65 -0.43 -4.83
H61 EPE J . 11.74 0.44 -7.73
H62 EPE J . 10.58 0.91 -6.49
H71 EPE J . 13.56 -1.88 -4.11
H72 EPE J . 14.76 -1.22 -5.23
H81 EPE J . 13.72 -4.02 -5.69
H82 EPE J . 14.88 -3.74 -4.40
HO8 EPE J . 16.11 -2.54 -6.16
H91 EPE J . 9.09 0.38 -8.11
H92 EPE J . 9.93 -0.66 -9.25
H101 EPE J . 8.52 -2.55 -8.68
H102 EPE J . 7.83 -1.69 -7.30
CAC FLC K . 14.17 0.91 18.10
CA FLC K . 12.95 0.30 17.43
CB FLC K . 13.02 0.10 15.91
CBC FLC K . 11.67 -0.51 15.61
CG FLC K . 14.19 -0.79 15.47
CGC FLC K . 14.80 -0.36 14.14
OA1 FLC K . 15.24 1.07 17.47
OA2 FLC K . 14.03 1.24 19.31
OB1 FLC K . 11.59 -1.71 15.19
OB2 FLC K . 10.66 0.23 15.83
OG1 FLC K . 15.58 0.63 14.11
OG2 FLC K . 14.51 -1.01 13.10
OHB FLC K . 13.08 1.33 15.18
HA1 FLC K . 12.09 0.94 17.65
HA2 FLC K . 12.76 -0.67 17.89
HG1 FLC K . 14.97 -0.77 16.23
HG2 FLC K . 13.85 -1.83 15.38
HOB FLC K . 12.32 1.87 15.41
MN MN L . -0.72 14.39 -1.87
MG MG M . -0.69 14.38 -1.86
MN MN N . 1.96 13.19 -0.28
#